data_5KMI
#
_entry.id   5KMI
#
_cell.length_a   52.065
_cell.length_b   52.065
_cell.length_c   227.191
_cell.angle_alpha   90.000
_cell.angle_beta   90.000
_cell.angle_gamma   120.000
#
_symmetry.space_group_name_H-M   'P 31 1 2'
#
loop_
_entity.id
_entity.type
_entity.pdbx_description
1 polymer 'High affinity nerve growth factor receptor'
2 non-polymer 1-(9~{H}-fluoren-9-yl)-3-(2-methyl-4-phenyl-pyrimidin-5-yl)urea
3 water water
#
_entity_poly.entity_id   1
_entity_poly.type   'polypeptide(L)'
_entity_poly.pdbx_seq_one_letter_code
;SSLSPTEGKGSGLQGHIIENPQYFSDACVHHIKRRDIVLKWELGEGAFGKVFLAECHNLLPEQDKMLVAVKALKEASESA
RQDFQREAELLTMLQHQHIVRFFGVCTEGRPLLMVFEYMRHGDLNRFLRSHGPDAKLLAGGEDVAPGPLGLGQLLAVASQ
VAAGMVYLAGLHFVHRDLATRNCLVGQGLVVKIGDFGMSRDIYSTDYYRVGGRTMLPIRWMPPESILYRKFTTESDVWSF
GVVLWEIFTYGKQPWYQLSNTEAIDCITQGRELERPRACPPEVYAIMRGCWQREPQQRHSIKDVHARLQALAQAPPVYLD
VLGHHHHHH
;
_entity_poly.pdbx_strand_id   A
#
# COMPACT_ATOMS: atom_id res chain seq x y z
N LEU A 13 3.44 15.20 -6.00
CA LEU A 13 2.89 13.86 -6.26
C LEU A 13 2.44 13.16 -4.99
N GLN A 14 1.14 12.86 -4.88
CA GLN A 14 0.58 12.15 -3.72
C GLN A 14 1.11 10.70 -3.74
N GLY A 15 1.71 10.27 -2.64
CA GLY A 15 2.28 8.92 -2.51
C GLY A 15 3.78 8.88 -2.69
N HIS A 16 4.36 9.99 -3.22
CA HIS A 16 5.80 10.08 -3.43
C HIS A 16 6.39 10.44 -2.08
N ILE A 17 7.26 9.57 -1.57
CA ILE A 17 7.87 9.70 -0.25
C ILE A 17 8.50 11.10 0.04
N ILE A 18 9.13 11.73 -0.97
CA ILE A 18 9.82 13.04 -0.87
C ILE A 18 8.88 14.20 -0.48
N GLU A 19 7.56 13.98 -0.47
CA GLU A 19 6.63 15.03 -0.07
C GLU A 19 6.54 15.16 1.47
N ASN A 20 7.45 14.47 2.19
CA ASN A 20 7.61 14.44 3.63
C ASN A 20 8.91 15.18 4.03
N PRO A 21 8.83 16.32 4.75
CA PRO A 21 10.06 17.06 5.11
C PRO A 21 10.69 16.58 6.43
N GLN A 22 11.24 15.35 6.42
CA GLN A 22 11.87 14.75 7.59
C GLN A 22 13.37 14.57 7.39
N CYS A 28 22.22 6.60 7.66
CA CYS A 28 22.74 6.95 6.34
C CYS A 28 22.45 5.85 5.32
N VAL A 29 22.43 6.22 4.03
CA VAL A 29 22.12 5.34 2.90
C VAL A 29 23.14 4.22 2.71
N HIS A 30 22.64 2.96 2.64
CA HIS A 30 23.50 1.79 2.40
C HIS A 30 23.77 1.67 0.88
N HIS A 31 25.02 1.32 0.50
CA HIS A 31 25.38 1.17 -0.92
C HIS A 31 25.70 -0.25 -1.22
N ILE A 32 25.39 -0.69 -2.43
CA ILE A 32 25.64 -2.04 -2.90
C ILE A 32 26.42 -1.95 -4.23
N LYS A 33 27.51 -2.74 -4.40
CA LYS A 33 28.29 -2.71 -5.65
C LYS A 33 27.48 -3.32 -6.80
N ARG A 34 27.62 -2.76 -8.02
CA ARG A 34 26.90 -3.26 -9.20
C ARG A 34 27.13 -4.74 -9.47
N ARG A 35 28.38 -5.25 -9.24
CA ARG A 35 28.74 -6.66 -9.45
C ARG A 35 27.95 -7.60 -8.53
N ASP A 36 27.48 -7.09 -7.36
CA ASP A 36 26.73 -7.86 -6.39
C ASP A 36 25.24 -7.99 -6.73
N ILE A 37 24.78 -7.30 -7.79
CA ILE A 37 23.38 -7.31 -8.26
C ILE A 37 23.34 -8.00 -9.61
N VAL A 38 22.58 -9.08 -9.72
CA VAL A 38 22.48 -9.78 -10.99
C VAL A 38 21.02 -9.81 -11.42
N LEU A 39 20.67 -9.05 -12.46
CA LEU A 39 19.34 -8.93 -13.03
C LEU A 39 18.86 -10.24 -13.65
N LYS A 40 17.61 -10.59 -13.37
CA LYS A 40 16.99 -11.82 -13.88
C LYS A 40 16.02 -11.52 -14.98
N TRP A 41 14.98 -10.70 -14.70
CA TRP A 41 13.97 -10.32 -15.67
C TRP A 41 13.16 -9.19 -15.15
N GLU A 42 12.43 -8.53 -16.04
CA GLU A 42 11.59 -7.40 -15.67
C GLU A 42 10.33 -7.89 -14.96
N LEU A 43 9.87 -7.13 -13.95
CA LEU A 43 8.65 -7.42 -13.21
C LEU A 43 7.59 -6.39 -13.61
N GLY A 44 8.04 -5.18 -13.93
CA GLY A 44 7.18 -4.08 -14.36
C GLY A 44 7.92 -2.84 -14.81
N GLU A 45 7.15 -1.88 -15.32
CA GLU A 45 7.66 -0.60 -15.80
C GLU A 45 6.61 0.51 -15.67
N GLY A 46 7.12 1.71 -15.41
CA GLY A 46 6.36 2.94 -15.28
C GLY A 46 7.01 4.09 -16.01
N ALA A 47 6.51 5.32 -15.80
CA ALA A 47 7.05 6.52 -16.46
C ALA A 47 8.41 6.93 -15.88
N PHE A 48 8.70 6.54 -14.62
CA PHE A 48 9.94 6.89 -13.91
C PHE A 48 11.03 5.81 -14.00
N GLY A 49 10.72 4.67 -14.64
CA GLY A 49 11.67 3.57 -14.81
C GLY A 49 11.07 2.17 -14.76
N LYS A 50 11.93 1.16 -14.67
CA LYS A 50 11.50 -0.23 -14.65
C LYS A 50 11.96 -0.99 -13.39
N VAL A 51 11.28 -2.09 -13.08
CA VAL A 51 11.53 -2.93 -11.92
C VAL A 51 11.90 -4.31 -12.40
N PHE A 52 12.94 -4.86 -11.78
CA PHE A 52 13.46 -6.19 -12.14
C PHE A 52 13.57 -7.07 -10.96
N LEU A 53 13.52 -8.37 -11.21
CA LEU A 53 13.80 -9.34 -10.18
C LEU A 53 15.31 -9.54 -10.35
N ALA A 54 16.03 -9.65 -9.24
CA ALA A 54 17.48 -9.82 -9.29
C ALA A 54 17.97 -10.68 -8.14
N GLU A 55 19.18 -11.23 -8.29
CA GLU A 55 19.87 -11.97 -7.22
C GLU A 55 20.85 -10.98 -6.60
N CYS A 56 20.85 -10.83 -5.28
CA CYS A 56 21.81 -9.92 -4.64
C CYS A 56 22.75 -10.70 -3.75
N HIS A 57 24.05 -10.61 -4.06
CA HIS A 57 25.12 -11.32 -3.37
C HIS A 57 25.69 -10.49 -2.23
N ASN A 58 26.04 -11.18 -1.12
CA ASN A 58 26.63 -10.62 0.10
C ASN A 58 25.79 -9.49 0.74
N LEU A 59 24.45 -9.62 0.66
CA LEU A 59 23.52 -8.64 1.22
C LEU A 59 23.18 -8.98 2.67
N LEU A 60 22.78 -10.23 2.91
CA LEU A 60 22.43 -10.72 4.25
C LEU A 60 23.21 -11.98 4.59
N PRO A 61 23.81 -12.06 5.80
CA PRO A 61 24.55 -13.27 6.20
C PRO A 61 23.65 -14.49 6.36
N GLU A 62 24.25 -15.71 6.31
CA GLU A 62 23.57 -17.01 6.41
C GLU A 62 22.52 -17.20 5.29
N GLN A 63 22.74 -16.50 4.16
CA GLN A 63 21.91 -16.51 2.97
C GLN A 63 22.80 -16.56 1.72
N ASP A 64 23.88 -15.73 1.68
CA ASP A 64 24.90 -15.58 0.62
C ASP A 64 24.33 -15.02 -0.69
N LYS A 65 23.19 -15.58 -1.15
CA LYS A 65 22.45 -15.18 -2.34
C LYS A 65 20.98 -15.05 -1.96
N MET A 66 20.30 -14.01 -2.47
CA MET A 66 18.89 -13.76 -2.19
C MET A 66 18.22 -12.97 -3.30
N LEU A 67 16.91 -13.19 -3.48
CA LEU A 67 16.16 -12.47 -4.48
C LEU A 67 15.77 -11.13 -3.93
N VAL A 68 15.80 -10.09 -4.80
CA VAL A 68 15.44 -8.72 -4.45
C VAL A 68 14.68 -8.12 -5.62
N ALA A 69 13.96 -7.01 -5.39
CA ALA A 69 13.29 -6.29 -6.47
C ALA A 69 14.18 -5.05 -6.64
N VAL A 70 14.56 -4.74 -7.87
CA VAL A 70 15.44 -3.62 -8.17
C VAL A 70 14.73 -2.58 -9.00
N LYS A 71 14.69 -1.33 -8.49
CA LYS A 71 14.04 -0.25 -9.22
C LYS A 71 15.16 0.54 -9.92
N ALA A 72 15.11 0.58 -11.24
CA ALA A 72 16.10 1.28 -12.06
C ALA A 72 15.54 2.63 -12.45
N LEU A 73 16.34 3.69 -12.25
CA LEU A 73 15.95 5.05 -12.57
C LEU A 73 16.07 5.35 -14.06
N LYS A 74 14.99 5.92 -14.64
CA LYS A 74 14.94 6.32 -16.05
C LYS A 74 15.71 7.62 -16.21
N GLU A 78 21.08 16.05 -13.22
CA GLU A 78 19.63 16.19 -13.30
C GLU A 78 18.99 16.40 -11.91
N SER A 79 17.68 16.73 -11.89
CA SER A 79 16.91 16.93 -10.65
C SER A 79 16.50 15.56 -10.11
N ALA A 80 16.40 14.55 -11.01
CA ALA A 80 16.05 13.16 -10.73
C ALA A 80 17.12 12.52 -9.82
N ARG A 81 18.39 12.92 -9.99
CA ARG A 81 19.52 12.46 -9.17
C ARG A 81 19.33 12.97 -7.73
N GLN A 82 18.82 14.22 -7.58
CA GLN A 82 18.55 14.84 -6.27
C GLN A 82 17.30 14.19 -5.65
N ASP A 83 16.28 13.90 -6.49
CA ASP A 83 15.04 13.25 -6.04
C ASP A 83 15.39 11.84 -5.53
N PHE A 84 16.28 11.13 -6.29
CA PHE A 84 16.77 9.79 -5.97
C PHE A 84 17.43 9.78 -4.59
N GLN A 85 18.32 10.77 -4.32
CA GLN A 85 19.03 10.87 -3.04
C GLN A 85 18.11 11.13 -1.88
N ARG A 86 17.10 11.99 -2.09
CA ARG A 86 16.11 12.34 -1.06
C ARG A 86 15.22 11.11 -0.78
N GLU A 87 14.79 10.41 -1.84
CA GLU A 87 13.96 9.20 -1.71
C GLU A 87 14.73 8.17 -0.91
N ALA A 88 16.01 7.92 -1.30
CA ALA A 88 16.85 6.95 -0.61
C ALA A 88 16.98 7.26 0.87
N GLU A 89 17.17 8.55 1.25
CA GLU A 89 17.30 8.98 2.65
C GLU A 89 16.06 8.66 3.47
N LEU A 90 14.88 9.00 2.93
CA LEU A 90 13.59 8.74 3.56
C LEU A 90 13.29 7.24 3.67
N LEU A 91 13.58 6.46 2.60
CA LEU A 91 13.37 5.00 2.59
C LEU A 91 14.27 4.29 3.61
N THR A 92 15.49 4.83 3.84
CA THR A 92 16.43 4.27 4.84
C THR A 92 15.87 4.44 6.27
N MET A 93 15.14 5.53 6.52
CA MET A 93 14.49 5.84 7.82
C MET A 93 13.39 4.85 8.16
N LEU A 94 12.63 4.42 7.14
CA LEU A 94 11.50 3.51 7.33
C LEU A 94 11.98 2.12 7.54
N GLN A 95 11.86 1.60 8.77
CA GLN A 95 12.29 0.26 9.10
C GLN A 95 11.24 -0.31 10.04
N HIS A 96 10.39 -1.18 9.50
CA HIS A 96 9.30 -1.79 10.26
C HIS A 96 8.87 -3.09 9.59
N GLN A 97 8.32 -4.03 10.38
CA GLN A 97 7.86 -5.33 9.88
C GLN A 97 6.75 -5.21 8.81
N HIS A 98 6.05 -4.05 8.76
CA HIS A 98 4.97 -3.90 7.80
C HIS A 98 5.19 -2.74 6.81
N ILE A 99 6.46 -2.42 6.58
CA ILE A 99 6.89 -1.46 5.57
C ILE A 99 7.85 -2.27 4.70
N VAL A 100 7.68 -2.26 3.36
CA VAL A 100 8.56 -2.98 2.43
C VAL A 100 10.01 -2.58 2.70
N ARG A 101 10.87 -3.59 2.94
CA ARG A 101 12.27 -3.37 3.26
C ARG A 101 13.09 -2.76 2.14
N PHE A 102 13.77 -1.64 2.46
CA PHE A 102 14.67 -0.98 1.51
C PHE A 102 16.09 -1.37 1.95
N PHE A 103 16.86 -1.97 1.05
CA PHE A 103 18.20 -2.45 1.33
C PHE A 103 19.30 -1.43 1.06
N GLY A 104 19.05 -0.57 0.08
CA GLY A 104 19.99 0.46 -0.29
C GLY A 104 20.02 0.82 -1.76
N VAL A 105 21.10 1.49 -2.18
CA VAL A 105 21.23 1.95 -3.57
C VAL A 105 22.49 1.42 -4.26
N CYS A 106 22.51 1.53 -5.59
CA CYS A 106 23.69 1.26 -6.39
C CYS A 106 23.95 2.52 -7.17
N THR A 107 24.99 3.25 -6.78
CA THR A 107 25.38 4.52 -7.40
C THR A 107 26.62 4.43 -8.30
N GLU A 108 27.18 3.23 -8.53
CA GLU A 108 28.35 3.18 -9.40
C GLU A 108 27.90 3.06 -10.87
N GLY A 109 28.07 4.16 -11.60
CA GLY A 109 27.67 4.28 -13.00
C GLY A 109 26.17 4.48 -13.14
N ARG A 110 25.62 4.21 -14.34
CA ARG A 110 24.20 4.34 -14.66
C ARG A 110 23.65 2.97 -15.11
N PRO A 111 22.34 2.63 -14.92
CA PRO A 111 21.31 3.44 -14.24
C PRO A 111 21.45 3.37 -12.72
N LEU A 112 21.00 4.42 -12.01
CA LEU A 112 21.05 4.37 -10.55
C LEU A 112 19.96 3.34 -10.17
N LEU A 113 20.23 2.52 -9.15
CA LEU A 113 19.31 1.46 -8.72
C LEU A 113 18.96 1.58 -7.27
N MET A 114 17.74 1.16 -6.93
CA MET A 114 17.24 1.10 -5.55
C MET A 114 16.89 -0.34 -5.35
N VAL A 115 17.33 -0.92 -4.25
CA VAL A 115 17.14 -2.34 -3.98
C VAL A 115 16.16 -2.57 -2.80
N PHE A 116 15.14 -3.41 -3.03
CA PHE A 116 14.12 -3.72 -2.03
C PHE A 116 13.95 -5.20 -1.89
N GLU A 117 13.29 -5.63 -0.81
CA GLU A 117 13.00 -7.04 -0.70
C GLU A 117 11.98 -7.47 -1.78
N TYR A 118 12.04 -8.72 -2.17
CA TYR A 118 11.14 -9.28 -3.15
C TYR A 118 9.90 -9.82 -2.43
N MET A 119 8.71 -9.43 -2.89
CA MET A 119 7.43 -9.87 -2.27
C MET A 119 6.72 -10.73 -3.29
N ARG A 120 6.84 -12.06 -3.12
CA ARG A 120 6.37 -13.13 -4.00
C ARG A 120 4.99 -12.96 -4.59
N HIS A 121 4.00 -12.52 -3.80
CA HIS A 121 2.62 -12.43 -4.26
C HIS A 121 2.24 -11.11 -4.96
N GLY A 122 3.20 -10.19 -5.08
CA GLY A 122 2.93 -8.93 -5.78
C GLY A 122 2.07 -7.97 -4.98
N ASP A 123 1.39 -7.04 -5.67
CA ASP A 123 0.63 -6.05 -4.91
C ASP A 123 -0.65 -6.65 -4.28
N LEU A 124 -1.10 -6.03 -3.19
CA LEU A 124 -2.27 -6.49 -2.41
C LEU A 124 -3.54 -6.46 -3.22
N ASN A 125 -3.72 -5.51 -4.15
CA ASN A 125 -4.95 -5.52 -4.97
C ASN A 125 -5.05 -6.81 -5.85
N ARG A 126 -3.95 -7.13 -6.52
CA ARG A 126 -3.81 -8.32 -7.38
C ARG A 126 -4.02 -9.60 -6.54
N PHE A 127 -3.46 -9.64 -5.34
CA PHE A 127 -3.58 -10.76 -4.43
C PHE A 127 -5.06 -10.98 -3.98
N LEU A 128 -5.72 -9.88 -3.64
CA LEU A 128 -7.13 -9.94 -3.21
C LEU A 128 -8.01 -10.43 -4.35
N ARG A 129 -7.84 -9.87 -5.53
CA ARG A 129 -8.64 -10.23 -6.72
C ARG A 129 -8.46 -11.69 -7.10
N SER A 130 -7.23 -12.18 -7.02
CA SER A 130 -6.88 -13.56 -7.38
C SER A 130 -7.35 -14.55 -6.32
N HIS A 131 -7.78 -14.07 -5.12
CA HIS A 131 -8.25 -14.89 -4.01
C HIS A 131 -9.67 -14.50 -3.59
N GLY A 132 -10.43 -14.01 -4.57
CA GLY A 132 -11.81 -13.58 -4.43
C GLY A 132 -12.79 -14.38 -5.27
N PRO A 133 -14.12 -14.19 -5.06
CA PRO A 133 -15.12 -14.97 -5.83
C PRO A 133 -15.10 -14.85 -7.35
N ASP A 134 -14.44 -13.80 -7.90
CA ASP A 134 -14.33 -13.57 -9.35
C ASP A 134 -13.06 -14.17 -9.99
N ALA A 135 -12.17 -14.78 -9.18
CA ALA A 135 -10.92 -15.39 -9.65
C ALA A 135 -11.11 -16.58 -10.61
N LYS A 136 -10.09 -16.83 -11.46
CA LYS A 136 -10.06 -17.92 -12.44
C LYS A 136 -9.80 -19.28 -11.77
N LEU A 137 -8.87 -19.31 -10.78
CA LEU A 137 -8.51 -20.52 -10.02
C LEU A 137 -8.70 -20.31 -8.52
N GLY A 141 -1.41 -22.69 -3.53
CA GLY A 141 -2.02 -23.09 -2.27
C GLY A 141 -1.02 -23.21 -1.14
N GLU A 142 0.19 -22.69 -1.32
CA GLU A 142 1.24 -22.74 -0.32
C GLU A 142 0.95 -21.91 0.94
N ASP A 143 0.43 -20.69 0.74
CA ASP A 143 0.15 -19.75 1.82
C ASP A 143 -1.33 -19.53 2.10
N VAL A 144 -2.19 -19.96 1.19
CA VAL A 144 -3.62 -19.74 1.33
C VAL A 144 -4.44 -20.96 0.92
N ALA A 145 -5.52 -21.23 1.67
CA ALA A 145 -6.47 -22.32 1.46
C ALA A 145 -7.22 -22.19 0.12
N PRO A 146 -7.96 -23.23 -0.36
CA PRO A 146 -8.68 -23.05 -1.64
C PRO A 146 -9.88 -22.13 -1.47
N GLY A 147 -10.31 -21.55 -2.58
CA GLY A 147 -11.45 -20.63 -2.60
C GLY A 147 -11.18 -19.26 -2.01
N PRO A 148 -12.24 -18.45 -1.80
CA PRO A 148 -12.05 -17.09 -1.25
C PRO A 148 -11.41 -17.01 0.12
N LEU A 149 -10.65 -15.93 0.38
CA LEU A 149 -10.01 -15.69 1.66
C LEU A 149 -11.05 -15.66 2.75
N GLY A 150 -10.80 -16.38 3.84
CA GLY A 150 -11.72 -16.43 4.97
C GLY A 150 -11.68 -15.14 5.75
N LEU A 151 -12.58 -15.00 6.74
CA LEU A 151 -12.67 -13.81 7.57
C LEU A 151 -11.37 -13.56 8.32
N GLY A 152 -10.80 -14.61 8.91
CA GLY A 152 -9.55 -14.52 9.65
C GLY A 152 -8.38 -13.98 8.83
N GLN A 153 -8.30 -14.42 7.56
CA GLN A 153 -7.24 -14.02 6.61
C GLN A 153 -7.46 -12.55 6.24
N LEU A 154 -8.72 -12.14 5.97
CA LEU A 154 -9.03 -10.73 5.62
C LEU A 154 -8.68 -9.83 6.78
N LEU A 155 -8.96 -10.28 8.03
CA LEU A 155 -8.63 -9.49 9.22
C LEU A 155 -7.12 -9.39 9.43
N ALA A 156 -6.37 -10.46 9.10
CA ALA A 156 -4.91 -10.50 9.23
C ALA A 156 -4.29 -9.47 8.26
N VAL A 157 -4.78 -9.44 7.01
CA VAL A 157 -4.35 -8.50 5.95
C VAL A 157 -4.58 -7.07 6.48
N ALA A 158 -5.83 -6.75 6.90
CA ALA A 158 -6.21 -5.43 7.42
C ALA A 158 -5.35 -5.00 8.59
N SER A 159 -5.12 -5.92 9.54
CA SER A 159 -4.31 -5.64 10.71
C SER A 159 -2.87 -5.27 10.36
N GLN A 160 -2.27 -5.98 9.40
CA GLN A 160 -0.89 -5.72 9.00
C GLN A 160 -0.76 -4.32 8.32
N VAL A 161 -1.71 -3.97 7.44
CA VAL A 161 -1.70 -2.64 6.78
C VAL A 161 -1.84 -1.55 7.87
N ALA A 162 -2.76 -1.75 8.83
CA ALA A 162 -2.95 -0.80 9.94
C ALA A 162 -1.67 -0.64 10.74
N ALA A 163 -0.92 -1.76 11.00
CA ALA A 163 0.34 -1.71 11.76
C ALA A 163 1.36 -0.83 11.04
N GLY A 164 1.48 -0.97 9.71
CA GLY A 164 2.37 -0.12 8.93
C GLY A 164 1.95 1.35 9.00
N MET A 165 0.63 1.63 8.99
CA MET A 165 0.12 3.00 9.10
C MET A 165 0.36 3.58 10.50
N VAL A 166 0.35 2.74 11.54
CA VAL A 166 0.64 3.18 12.91
C VAL A 166 2.09 3.67 12.93
N TYR A 167 3.00 2.87 12.34
CA TYR A 167 4.42 3.20 12.30
C TYR A 167 4.68 4.51 11.58
N LEU A 168 4.04 4.73 10.42
CA LEU A 168 4.20 5.97 9.64
C LEU A 168 3.67 7.17 10.42
N ALA A 169 2.49 7.02 11.08
CA ALA A 169 1.87 8.10 11.87
C ALA A 169 2.84 8.51 13.00
N GLY A 170 3.50 7.52 13.60
CA GLY A 170 4.48 7.71 14.66
C GLY A 170 5.71 8.48 14.22
N LEU A 171 6.08 8.39 12.93
CA LEU A 171 7.23 9.11 12.35
C LEU A 171 6.80 10.43 11.75
N HIS A 172 5.49 10.72 11.80
CA HIS A 172 4.84 11.94 11.30
C HIS A 172 4.86 11.98 9.76
N PHE A 173 4.78 10.79 9.14
CA PHE A 173 4.75 10.66 7.66
C PHE A 173 3.31 10.66 7.18
N VAL A 174 3.05 11.33 6.07
CA VAL A 174 1.73 11.37 5.44
C VAL A 174 1.94 10.66 4.08
N HIS A 175 1.26 9.54 3.88
CA HIS A 175 1.39 8.76 2.65
C HIS A 175 0.79 9.46 1.42
N ARG A 176 -0.51 9.84 1.49
CA ARG A 176 -1.32 10.53 0.45
C ARG A 176 -1.76 9.62 -0.69
N ASP A 177 -1.26 8.37 -0.79
CA ASP A 177 -1.74 7.46 -1.84
C ASP A 177 -1.93 6.05 -1.27
N LEU A 178 -2.45 5.97 -0.02
CA LEU A 178 -2.67 4.65 0.54
C LEU A 178 -3.81 3.95 -0.18
N ALA A 179 -3.56 2.71 -0.65
CA ALA A 179 -4.53 1.90 -1.34
C ALA A 179 -3.93 0.50 -1.43
N THR A 180 -4.77 -0.52 -1.68
CA THR A 180 -4.23 -1.89 -1.75
C THR A 180 -3.17 -2.03 -2.87
N ARG A 181 -3.28 -1.28 -3.98
CA ARG A 181 -2.26 -1.35 -5.05
C ARG A 181 -0.87 -0.93 -4.55
N ASN A 182 -0.83 -0.14 -3.47
CA ASN A 182 0.39 0.40 -2.88
C ASN A 182 0.83 -0.35 -1.62
N CYS A 183 0.42 -1.63 -1.53
CA CYS A 183 0.83 -2.58 -0.50
C CYS A 183 1.36 -3.82 -1.22
N LEU A 184 2.29 -4.57 -0.60
CA LEU A 184 2.82 -5.80 -1.22
C LEU A 184 2.61 -6.99 -0.33
N VAL A 185 2.50 -8.17 -0.91
CA VAL A 185 2.27 -9.41 -0.17
C VAL A 185 3.43 -10.39 -0.42
N GLY A 186 4.07 -10.84 0.65
CA GLY A 186 5.18 -11.78 0.56
C GLY A 186 4.83 -13.17 1.06
N GLN A 187 5.82 -14.09 1.02
CA GLN A 187 5.66 -15.48 1.48
C GLN A 187 5.10 -15.50 2.90
N GLY A 188 4.15 -16.39 3.15
CA GLY A 188 3.52 -16.53 4.46
C GLY A 188 2.46 -15.48 4.72
N LEU A 189 1.95 -14.88 3.63
CA LEU A 189 0.92 -13.81 3.63
C LEU A 189 1.31 -12.65 4.51
N VAL A 190 2.58 -12.25 4.43
CA VAL A 190 3.07 -11.10 5.18
C VAL A 190 2.71 -9.92 4.27
N VAL A 191 1.99 -8.91 4.80
CA VAL A 191 1.52 -7.74 4.04
C VAL A 191 2.29 -6.51 4.50
N LYS A 192 2.82 -5.73 3.55
CA LYS A 192 3.60 -4.53 3.91
C LYS A 192 3.25 -3.35 3.01
N ILE A 193 3.39 -2.13 3.54
CA ILE A 193 3.10 -0.93 2.76
C ILE A 193 4.35 -0.63 1.94
N GLY A 194 4.15 -0.39 0.65
CA GLY A 194 5.26 -0.06 -0.22
C GLY A 194 4.94 -0.25 -1.68
N ASP A 195 5.62 0.51 -2.54
CA ASP A 195 5.40 0.38 -3.97
C ASP A 195 6.65 0.83 -4.72
N PHE A 196 6.70 0.56 -6.02
CA PHE A 196 7.87 0.95 -6.81
C PHE A 196 7.61 2.16 -7.73
N GLY A 197 6.65 3.00 -7.36
CA GLY A 197 6.29 4.21 -8.11
C GLY A 197 5.71 4.03 -9.50
N MET A 198 5.02 2.94 -9.73
CA MET A 198 4.42 2.61 -11.02
C MET A 198 2.88 2.55 -10.97
N SER A 199 2.27 2.80 -9.78
CA SER A 199 0.81 2.67 -9.66
C SER A 199 0.03 3.52 -10.63
N ARG A 200 0.50 4.74 -10.96
CA ARG A 200 -0.23 5.57 -11.92
C ARG A 200 -0.17 4.99 -13.33
N ASP A 201 0.87 4.20 -13.63
CA ASP A 201 1.00 3.56 -14.92
C ASP A 201 0.22 2.25 -14.96
N ILE A 202 0.35 1.40 -13.92
CA ILE A 202 -0.31 0.10 -13.87
C ILE A 202 -1.82 0.21 -13.59
N TYR A 203 -2.20 1.11 -12.67
CA TYR A 203 -3.59 1.29 -12.24
C TYR A 203 -4.07 2.70 -12.58
N SER A 204 -3.91 3.11 -13.86
CA SER A 204 -4.32 4.45 -14.29
C SER A 204 -5.80 4.78 -14.01
N THR A 205 -6.74 3.79 -14.05
CA THR A 205 -8.15 4.11 -13.77
C THR A 205 -8.42 4.40 -12.30
N ASP A 206 -7.43 4.19 -11.43
CA ASP A 206 -7.57 4.51 -10.00
C ASP A 206 -7.22 5.96 -9.73
N TYR A 207 -6.87 6.71 -10.77
CA TYR A 207 -6.51 8.11 -10.69
C TYR A 207 -7.35 8.97 -11.63
N TYR A 208 -7.59 10.22 -11.21
CA TYR A 208 -8.32 11.22 -11.97
C TYR A 208 -7.30 12.19 -12.55
N ARG A 209 -7.20 12.24 -13.90
CA ARG A 209 -6.24 13.11 -14.56
C ARG A 209 -6.73 14.54 -14.67
N VAL A 210 -5.96 15.44 -14.09
CA VAL A 210 -6.17 16.89 -14.06
C VAL A 210 -5.01 17.50 -14.83
N GLY A 211 -5.28 18.52 -15.64
CA GLY A 211 -4.27 19.19 -16.44
C GLY A 211 -3.57 18.23 -17.38
N GLY A 212 -2.25 18.35 -17.44
CA GLY A 212 -1.42 17.52 -18.30
C GLY A 212 -0.81 16.29 -17.65
N ARG A 213 -0.29 16.44 -16.40
CA ARG A 213 0.38 15.33 -15.71
C ARG A 213 -0.18 14.96 -14.30
N THR A 214 -1.02 15.82 -13.67
CA THR A 214 -1.57 15.55 -12.34
C THR A 214 -2.59 14.40 -12.36
N MET A 215 -2.38 13.39 -11.49
CA MET A 215 -3.24 12.21 -11.38
C MET A 215 -3.56 12.02 -9.90
N LEU A 216 -4.84 12.22 -9.55
CA LEU A 216 -5.32 12.18 -8.17
C LEU A 216 -6.09 10.91 -7.81
N PRO A 217 -5.76 10.23 -6.70
CA PRO A 217 -6.51 9.00 -6.34
C PRO A 217 -7.77 9.41 -5.55
N ILE A 218 -8.68 10.11 -6.24
CA ILE A 218 -9.90 10.70 -5.66
C ILE A 218 -10.78 9.70 -4.88
N ARG A 219 -10.90 8.47 -5.37
CA ARG A 219 -11.76 7.44 -4.73
C ARG A 219 -11.30 7.08 -3.34
N TRP A 220 -10.00 7.32 -2.99
CA TRP A 220 -9.41 7.05 -1.69
C TRP A 220 -9.28 8.31 -0.83
N MET A 221 -9.67 9.45 -1.37
CA MET A 221 -9.50 10.75 -0.71
C MET A 221 -10.71 11.26 0.07
N PRO A 222 -10.47 11.90 1.27
CA PRO A 222 -11.57 12.49 2.05
C PRO A 222 -12.06 13.83 1.45
N PRO A 223 -13.23 14.37 1.91
CA PRO A 223 -13.71 15.64 1.36
C PRO A 223 -12.72 16.81 1.47
N GLU A 224 -11.95 16.90 2.57
CA GLU A 224 -10.99 18.01 2.75
C GLU A 224 -9.82 17.96 1.78
N SER A 225 -9.47 16.75 1.31
CA SER A 225 -8.38 16.58 0.36
C SER A 225 -8.91 16.92 -1.03
N ILE A 226 -10.17 16.57 -1.34
CA ILE A 226 -10.75 16.86 -2.65
C ILE A 226 -11.07 18.38 -2.76
N LEU A 227 -11.78 18.90 -1.75
CA LEU A 227 -12.23 20.30 -1.69
C LEU A 227 -11.17 21.33 -1.37
N TYR A 228 -10.33 21.09 -0.32
CA TYR A 228 -9.36 22.05 0.16
C TYR A 228 -7.88 21.70 -0.08
N ARG A 229 -7.57 20.50 -0.60
CA ARG A 229 -6.22 19.99 -0.90
C ARG A 229 -5.35 19.90 0.38
N LYS A 230 -5.99 19.57 1.50
CA LYS A 230 -5.30 19.39 2.78
C LYS A 230 -5.06 17.88 2.99
N PHE A 231 -3.80 17.50 3.28
CA PHE A 231 -3.36 16.13 3.51
C PHE A 231 -2.69 16.04 4.86
N THR A 232 -3.18 15.13 5.72
CA THR A 232 -2.68 14.92 7.08
C THR A 232 -2.79 13.45 7.44
N THR A 233 -2.38 13.11 8.68
CA THR A 233 -2.50 11.78 9.24
C THR A 233 -3.98 11.39 9.16
N GLU A 234 -4.92 12.35 9.36
CA GLU A 234 -6.38 12.14 9.31
C GLU A 234 -6.87 11.82 7.91
N SER A 235 -6.25 12.40 6.84
CA SER A 235 -6.71 12.07 5.49
C SER A 235 -6.23 10.65 5.17
N ASP A 236 -5.09 10.22 5.76
CA ASP A 236 -4.55 8.85 5.62
C ASP A 236 -5.44 7.84 6.35
N VAL A 237 -6.08 8.25 7.49
CA VAL A 237 -7.02 7.38 8.23
C VAL A 237 -8.22 7.06 7.36
N TRP A 238 -8.74 8.10 6.69
CA TRP A 238 -9.86 8.00 5.77
C TRP A 238 -9.49 6.99 4.67
N SER A 239 -8.28 7.18 4.07
CA SER A 239 -7.80 6.29 3.02
C SER A 239 -7.70 4.86 3.57
N PHE A 240 -7.28 4.70 4.85
CA PHE A 240 -7.19 3.36 5.47
C PHE A 240 -8.57 2.71 5.53
N GLY A 241 -9.61 3.51 5.81
CA GLY A 241 -10.99 3.03 5.82
C GLY A 241 -11.36 2.49 4.46
N VAL A 242 -10.96 3.21 3.38
CA VAL A 242 -11.22 2.77 2.00
C VAL A 242 -10.42 1.47 1.74
N VAL A 243 -9.14 1.37 2.24
CA VAL A 243 -8.31 0.13 2.12
C VAL A 243 -9.07 -1.06 2.77
N LEU A 244 -9.58 -0.82 3.97
CA LEU A 244 -10.37 -1.82 4.72
C LEU A 244 -11.54 -2.29 3.87
N TRP A 245 -12.22 -1.35 3.19
CA TRP A 245 -13.33 -1.66 2.29
C TRP A 245 -12.84 -2.48 1.09
N GLU A 246 -11.66 -2.10 0.51
CA GLU A 246 -11.14 -2.86 -0.64
C GLU A 246 -10.85 -4.32 -0.21
N ILE A 247 -10.27 -4.51 0.98
CA ILE A 247 -9.92 -5.84 1.53
C ILE A 247 -11.18 -6.75 1.61
N PHE A 248 -12.28 -6.21 2.14
CA PHE A 248 -13.52 -6.97 2.34
C PHE A 248 -14.39 -7.08 1.09
N THR A 249 -14.00 -6.45 -0.04
CA THR A 249 -14.70 -6.60 -1.33
C THR A 249 -13.75 -7.34 -2.30
N TYR A 250 -12.64 -7.89 -1.76
CA TYR A 250 -11.64 -8.63 -2.54
C TYR A 250 -11.01 -7.81 -3.68
N GLY A 251 -10.66 -6.58 -3.36
CA GLY A 251 -9.99 -5.66 -4.28
C GLY A 251 -10.81 -4.86 -5.25
N LYS A 252 -12.16 -4.82 -5.09
CA LYS A 252 -12.98 -4.03 -5.99
C LYS A 252 -12.64 -2.53 -5.83
N GLN A 253 -12.79 -1.78 -6.90
CA GLN A 253 -12.54 -0.35 -6.85
C GLN A 253 -13.69 0.37 -6.09
N PRO A 254 -13.36 1.24 -5.10
CA PRO A 254 -14.39 2.01 -4.39
C PRO A 254 -15.14 2.88 -5.40
N TRP A 255 -16.47 2.90 -5.28
CA TRP A 255 -17.33 3.68 -6.19
C TRP A 255 -17.20 3.24 -7.62
N TYR A 256 -16.91 1.93 -7.86
CA TYR A 256 -16.73 1.39 -9.23
C TYR A 256 -17.89 1.71 -10.19
N GLN A 257 -19.11 1.87 -9.65
CA GLN A 257 -20.31 2.18 -10.44
C GLN A 257 -20.37 3.67 -10.88
N LEU A 258 -19.45 4.50 -10.34
CA LEU A 258 -19.41 5.93 -10.62
C LEU A 258 -18.23 6.36 -11.48
N SER A 259 -18.46 7.39 -12.31
CA SER A 259 -17.41 8.02 -13.13
C SER A 259 -16.58 8.85 -12.14
N ASN A 260 -15.44 9.41 -12.58
CA ASN A 260 -14.60 10.21 -11.69
C ASN A 260 -15.32 11.45 -11.11
N THR A 261 -16.04 12.18 -11.96
CA THR A 261 -16.80 13.37 -11.54
C THR A 261 -17.95 12.97 -10.60
N GLU A 262 -18.64 11.83 -10.88
CA GLU A 262 -19.71 11.33 -10.02
C GLU A 262 -19.15 10.94 -8.64
N ALA A 263 -17.93 10.33 -8.58
CA ALA A 263 -17.33 9.95 -7.29
C ALA A 263 -16.96 11.20 -6.49
N ILE A 264 -16.42 12.24 -7.16
CA ILE A 264 -16.07 13.50 -6.48
C ILE A 264 -17.37 14.08 -5.82
N ASP A 265 -18.47 14.06 -6.58
CA ASP A 265 -19.81 14.51 -6.10
C ASP A 265 -20.24 13.70 -4.85
N CYS A 266 -20.24 12.34 -4.91
CA CYS A 266 -20.63 11.53 -3.75
C CYS A 266 -19.75 11.73 -2.53
N ILE A 267 -18.41 11.81 -2.73
CA ILE A 267 -17.51 12.00 -1.59
C ILE A 267 -17.72 13.36 -0.94
N THR A 268 -17.80 14.43 -1.75
CA THR A 268 -18.00 15.78 -1.21
C THR A 268 -19.41 15.96 -0.62
N GLN A 269 -20.44 15.27 -1.17
CA GLN A 269 -21.81 15.34 -0.63
C GLN A 269 -21.96 14.57 0.70
N GLY A 270 -21.00 13.71 1.02
CA GLY A 270 -20.97 12.97 2.27
C GLY A 270 -21.47 11.55 2.25
N ARG A 271 -21.61 10.97 1.05
CA ARG A 271 -22.07 9.60 0.86
C ARG A 271 -20.98 8.61 1.34
N GLU A 272 -21.41 7.48 1.89
CA GLU A 272 -20.49 6.48 2.44
C GLU A 272 -20.56 5.20 1.70
N LEU A 273 -19.42 4.49 1.63
CA LEU A 273 -19.36 3.22 0.95
C LEU A 273 -20.21 2.24 1.71
N GLU A 274 -20.98 1.44 0.99
CA GLU A 274 -21.87 0.40 1.52
C GLU A 274 -21.08 -0.72 2.18
N ARG A 275 -21.73 -1.43 3.12
CA ARG A 275 -21.10 -2.55 3.81
C ARG A 275 -20.88 -3.68 2.82
N PRO A 276 -19.62 -4.13 2.64
CA PRO A 276 -19.37 -5.26 1.74
C PRO A 276 -20.06 -6.51 2.31
N ARG A 277 -20.45 -7.42 1.46
CA ARG A 277 -21.10 -8.66 1.89
C ARG A 277 -20.28 -9.51 2.88
N ALA A 278 -18.95 -9.63 2.67
CA ALA A 278 -18.06 -10.40 3.54
C ALA A 278 -17.67 -9.66 4.81
N CYS A 279 -18.16 -8.43 4.98
CA CYS A 279 -17.79 -7.59 6.11
C CYS A 279 -18.75 -7.66 7.35
N PRO A 280 -18.29 -8.15 8.52
CA PRO A 280 -19.17 -8.13 9.71
C PRO A 280 -19.45 -6.70 10.20
N PRO A 281 -20.58 -6.45 10.93
CA PRO A 281 -20.88 -5.10 11.42
C PRO A 281 -19.79 -4.49 12.30
N GLU A 282 -19.06 -5.32 13.06
CA GLU A 282 -17.94 -4.93 13.93
C GLU A 282 -16.84 -4.26 13.09
N VAL A 283 -16.53 -4.84 11.91
CA VAL A 283 -15.52 -4.32 10.99
C VAL A 283 -16.07 -3.07 10.29
N TYR A 284 -17.33 -3.12 9.81
CA TYR A 284 -17.94 -1.96 9.15
C TYR A 284 -17.97 -0.73 10.06
N ALA A 285 -18.01 -0.95 11.39
CA ALA A 285 -17.98 0.10 12.39
C ALA A 285 -16.62 0.81 12.35
N ILE A 286 -15.53 0.01 12.22
CA ILE A 286 -14.15 0.49 12.14
C ILE A 286 -14.01 1.37 10.88
N MET A 287 -14.60 0.93 9.75
CA MET A 287 -14.59 1.67 8.47
C MET A 287 -15.27 3.04 8.68
N ARG A 288 -16.53 3.07 9.20
CA ARG A 288 -17.25 4.33 9.42
C ARG A 288 -16.51 5.26 10.36
N GLY A 289 -15.73 4.70 11.30
CA GLY A 289 -14.91 5.46 12.23
C GLY A 289 -13.80 6.22 11.51
N CYS A 290 -13.35 5.68 10.36
CA CYS A 290 -12.30 6.32 9.53
C CYS A 290 -12.93 7.39 8.63
N TRP A 291 -14.26 7.31 8.39
CA TRP A 291 -14.99 8.18 7.47
C TRP A 291 -15.82 9.33 8.09
N GLN A 292 -15.49 9.77 9.31
CA GLN A 292 -16.18 10.89 9.95
C GLN A 292 -15.85 12.13 9.12
N ARG A 293 -16.88 12.90 8.66
CA ARG A 293 -16.66 14.11 7.85
C ARG A 293 -15.57 15.00 8.40
N GLU A 294 -15.64 15.27 9.71
CA GLU A 294 -14.70 16.12 10.41
C GLU A 294 -13.41 15.35 10.77
N PRO A 295 -12.26 15.75 10.15
CA PRO A 295 -10.98 15.04 10.39
C PRO A 295 -10.62 14.74 11.85
N GLN A 296 -10.77 15.75 12.74
CA GLN A 296 -10.49 15.68 14.18
C GLN A 296 -11.33 14.60 14.92
N GLN A 297 -12.50 14.21 14.37
CA GLN A 297 -13.37 13.20 14.98
C GLN A 297 -13.17 11.76 14.45
N ARG A 298 -12.21 11.57 13.52
CA ARG A 298 -11.91 10.24 13.00
C ARG A 298 -11.15 9.49 14.07
N HIS A 299 -11.34 8.16 14.19
CA HIS A 299 -10.61 7.37 15.18
C HIS A 299 -9.13 7.37 14.78
N SER A 300 -8.23 7.31 15.77
CA SER A 300 -6.80 7.28 15.50
C SER A 300 -6.41 5.93 14.90
N ILE A 301 -5.31 5.89 14.14
CA ILE A 301 -4.82 4.66 13.53
C ILE A 301 -4.42 3.63 14.63
N LYS A 302 -3.92 4.10 15.80
CA LYS A 302 -3.56 3.26 16.95
C LYS A 302 -4.82 2.48 17.39
N ASP A 303 -5.99 3.17 17.49
CA ASP A 303 -7.26 2.54 17.89
C ASP A 303 -7.77 1.59 16.83
N VAL A 304 -7.64 1.98 15.56
CA VAL A 304 -8.07 1.16 14.43
C VAL A 304 -7.23 -0.14 14.42
N HIS A 305 -5.90 -0.03 14.56
CA HIS A 305 -5.00 -1.19 14.58
C HIS A 305 -5.31 -2.13 15.78
N ALA A 306 -5.52 -1.54 16.97
CA ALA A 306 -5.84 -2.29 18.20
C ALA A 306 -7.09 -3.14 18.01
N ARG A 307 -8.12 -2.59 17.37
CA ARG A 307 -9.37 -3.31 17.12
C ARG A 307 -9.26 -4.41 16.12
N LEU A 308 -8.60 -4.14 14.98
CA LEU A 308 -8.43 -5.13 13.93
C LEU A 308 -7.52 -6.27 14.39
N GLN A 309 -6.45 -5.97 15.13
CA GLN A 309 -5.51 -6.98 15.63
C GLN A 309 -6.22 -7.94 16.58
N ALA A 310 -7.07 -7.39 17.48
CA ALA A 310 -7.88 -8.12 18.44
C ALA A 310 -8.82 -9.08 17.69
N LEU A 311 -9.45 -8.59 16.62
CA LEU A 311 -10.33 -9.43 15.82
C LEU A 311 -9.52 -10.46 15.02
N ALA A 312 -8.32 -10.07 14.50
CA ALA A 312 -7.46 -11.00 13.75
C ALA A 312 -7.02 -12.19 14.64
N GLN A 313 -6.62 -11.92 15.90
CA GLN A 313 -6.16 -12.99 16.78
C GLN A 313 -7.28 -13.60 17.68
N ALA A 314 -8.56 -13.26 17.41
CA ALA A 314 -9.70 -13.80 18.17
C ALA A 314 -9.82 -15.30 17.88
N PRO A 315 -10.19 -16.13 18.89
CA PRO A 315 -10.30 -17.58 18.62
C PRO A 315 -11.39 -17.94 17.62
N PRO A 316 -11.30 -19.10 16.90
CA PRO A 316 -12.36 -19.48 15.95
C PRO A 316 -13.79 -19.35 16.51
N VAL A 317 -14.01 -19.73 17.80
CA VAL A 317 -15.31 -19.62 18.47
C VAL A 317 -15.87 -18.16 18.40
N TYR A 318 -15.01 -17.15 18.62
CA TYR A 318 -15.44 -15.75 18.60
C TYR A 318 -15.70 -15.20 17.19
N LEU A 319 -14.78 -15.41 16.21
CA LEU A 319 -15.05 -14.83 14.89
C LEU A 319 -16.02 -15.71 14.05
N ASP A 320 -16.31 -16.97 14.49
CA ASP A 320 -17.29 -17.79 13.79
C ASP A 320 -18.67 -17.16 14.00
N VAL A 321 -18.87 -16.47 15.15
CA VAL A 321 -20.14 -15.80 15.46
C VAL A 321 -20.15 -14.37 14.87
N LEU A 322 -19.02 -13.94 14.29
CA LEU A 322 -18.90 -12.65 13.61
C LEU A 322 -19.26 -12.91 12.13
N GLY A 323 -18.76 -14.03 11.58
CA GLY A 323 -19.02 -14.45 10.21
C GLY A 323 -20.38 -15.10 10.03
#